data_8PP0
#
_entry.id   8PP0
#
_cell.length_a   65.648
_cell.length_b   65.648
_cell.length_c   110.816
_cell.angle_alpha   90.00
_cell.angle_beta   90.00
_cell.angle_gamma   90.00
#
_symmetry.space_group_name_H-M   'P 43 21 2'
#
loop_
_entity.id
_entity.type
_entity.pdbx_description
1 polymer 'Retinoic acid receptor RXR-alpha'
2 polymer 'Nuclear receptor coactivator 2'
3 non-polymer '3-[4-[2,3-dihydro-1H-inden-4-yl(methyl)amino]-6-(trifluoromethyl)pyrimidin-2-yl]oxypropanoic acid'
4 water water
#
loop_
_entity_poly.entity_id
_entity_poly.type
_entity_poly.pdbx_seq_one_letter_code
_entity_poly.pdbx_strand_id
1 'polypeptide(L)'
;SMTSSANEDMPVERILEAELAVEPKTETYVEANMGLNPSSPNDPVTNICQAADKQLFTLVEWAKRIPHFSELPLDDQVIL
LRAGWNELLIASFSHRSIAVKDGILLATGLHVHRNSAHSAGVGAIFDRVLTELVSKMRDMQMDKTELGCLRAIVLFNPDS
KGLSNPAEVEALREKVYASLEAYCKHKYPEQPGRFAKLLLRLPALRSIGLKCLEHLFFFKLIGDTPIDTFLMEMLEAPHQ
MT
;
A
2 'polypeptide(L)' KHKILHRLLQDSSY B
#
# COMPACT_ATOMS: atom_id res chain seq x y z
N GLU A 8 -10.98 14.46 -17.98
CA GLU A 8 -9.97 13.76 -17.15
C GLU A 8 -9.75 14.54 -15.85
N ASP A 9 -10.67 14.40 -14.89
CA ASP A 9 -10.45 14.84 -13.48
C ASP A 9 -9.53 13.82 -12.74
N MET A 10 -9.11 12.69 -13.35
CA MET A 10 -8.16 11.70 -12.71
C MET A 10 -7.18 11.14 -13.74
N PRO A 11 -6.15 11.93 -14.12
CA PRO A 11 -5.18 11.51 -15.13
C PRO A 11 -4.11 10.54 -14.60
N VAL A 12 -3.86 9.46 -15.32
CA VAL A 12 -2.92 8.39 -14.89
C VAL A 12 -1.52 8.98 -14.82
N GLU A 13 -1.27 10.07 -15.55
CA GLU A 13 0.07 10.72 -15.55
C GLU A 13 0.35 11.24 -14.16
N ARG A 14 -0.65 11.80 -13.50
CA ARG A 14 -0.46 12.40 -12.15
C ARG A 14 -0.27 11.28 -11.13
N ILE A 15 -0.96 10.16 -11.30
CA ILE A 15 -0.85 8.98 -10.39
C ILE A 15 0.55 8.37 -10.53
N LEU A 16 1.07 8.19 -11.76
CA LEU A 16 2.46 7.75 -11.99
C LEU A 16 3.44 8.73 -11.33
N GLU A 17 3.24 10.05 -11.49
CA GLU A 17 4.14 11.10 -10.92
C GLU A 17 4.24 10.89 -9.40
N ALA A 18 3.12 10.58 -8.76
CA ALA A 18 3.04 10.32 -7.31
C ALA A 18 3.93 9.11 -6.95
N GLU A 19 3.83 8.03 -7.69
CA GLU A 19 4.70 6.84 -7.50
C GLU A 19 6.17 7.25 -7.66
N LEU A 20 6.50 8.01 -8.70
CA LEU A 20 7.92 8.28 -9.08
C LEU A 20 8.51 9.27 -8.09
N ALA A 21 7.70 10.17 -7.53
CA ALA A 21 8.14 11.22 -6.58
C ALA A 21 8.64 10.58 -5.26
N VAL A 22 8.09 9.44 -4.85
CA VAL A 22 8.30 8.89 -3.47
C VAL A 22 9.18 7.63 -3.52
N GLU A 23 9.55 7.15 -4.72
CA GLU A 23 10.41 5.95 -5.00
C GLU A 23 11.74 6.06 -4.25
N PRO A 24 12.14 5.04 -3.45
CA PRO A 24 13.44 5.06 -2.78
C PRO A 24 14.56 4.72 -3.78
N ASN A 42 20.06 -10.59 15.28
CA ASN A 42 19.26 -10.43 14.03
C ASN A 42 17.77 -10.69 14.35
N ASP A 43 16.88 -9.72 14.04
CA ASP A 43 15.44 -9.95 13.77
C ASP A 43 15.06 -9.28 12.44
N PRO A 44 14.74 -10.07 11.40
CA PRO A 44 14.08 -9.54 10.19
C PRO A 44 12.80 -8.72 10.52
N VAL A 45 12.00 -9.17 11.51
CA VAL A 45 10.72 -8.50 11.91
C VAL A 45 11.04 -7.11 12.54
N THR A 46 12.20 -6.95 13.17
CA THR A 46 12.66 -5.60 13.61
C THR A 46 12.97 -4.72 12.40
N ASN A 47 13.61 -5.25 11.35
CA ASN A 47 13.95 -4.45 10.15
C ASN A 47 12.66 -4.06 9.43
N ILE A 48 11.75 -5.00 9.34
CA ILE A 48 10.43 -4.81 8.68
C ILE A 48 9.69 -3.68 9.40
N CYS A 49 9.64 -3.69 10.73
CA CYS A 49 8.91 -2.68 11.56
C CYS A 49 9.55 -1.29 11.42
N GLN A 50 10.89 -1.20 11.39
CA GLN A 50 11.60 0.09 11.15
C GLN A 50 11.24 0.60 9.74
N ALA A 51 11.26 -0.28 8.75
CA ALA A 51 10.94 0.10 7.35
C ALA A 51 9.48 0.62 7.27
N ALA A 52 8.55 -0.05 7.96
CA ALA A 52 7.11 0.29 7.89
C ALA A 52 6.90 1.71 8.44
N ASP A 53 7.51 2.00 9.57
CA ASP A 53 7.43 3.32 10.25
C ASP A 53 7.96 4.42 9.29
N LYS A 54 9.16 4.22 8.76
CA LYS A 54 9.77 5.12 7.78
C LYS A 54 8.79 5.33 6.62
N GLN A 55 8.19 4.26 6.10
CA GLN A 55 7.38 4.37 4.85
C GLN A 55 6.02 5.02 5.16
N LEU A 56 5.60 5.09 6.41
CA LEU A 56 4.31 5.74 6.77
C LEU A 56 4.43 7.24 6.50
N PHE A 57 5.60 7.84 6.75
CA PHE A 57 5.85 9.29 6.46
C PHE A 57 5.78 9.50 4.95
N THR A 58 6.35 8.59 4.17
CA THR A 58 6.37 8.68 2.69
C THR A 58 4.96 8.50 2.14
N LEU A 59 4.17 7.63 2.75
CA LEU A 59 2.79 7.31 2.31
C LEU A 59 1.91 8.58 2.39
N VAL A 60 2.07 9.39 3.43
CA VAL A 60 1.34 10.70 3.56
C VAL A 60 1.69 11.61 2.37
N GLU A 61 2.98 11.69 1.99
CA GLU A 61 3.44 12.52 0.84
C GLU A 61 2.85 11.97 -0.46
N TRP A 62 2.89 10.65 -0.65
CA TRP A 62 2.27 9.98 -1.81
C TRP A 62 0.80 10.39 -1.93
N ALA A 63 0.03 10.23 -0.86
CA ALA A 63 -1.46 10.44 -0.85
C ALA A 63 -1.76 11.88 -1.23
N LYS A 64 -0.96 12.81 -0.74
CA LYS A 64 -1.13 14.27 -1.06
C LYS A 64 -0.92 14.54 -2.55
N ARG A 65 -0.21 13.68 -3.27
CA ARG A 65 0.02 13.87 -4.73
C ARG A 65 -1.01 13.13 -5.56
N ILE A 66 -1.94 12.36 -4.96
CA ILE A 66 -3.05 11.71 -5.71
C ILE A 66 -4.14 12.79 -5.95
N PRO A 67 -4.58 13.01 -7.18
CA PRO A 67 -5.55 14.06 -7.48
C PRO A 67 -6.79 13.99 -6.61
N HIS A 68 -7.12 15.11 -5.95
CA HIS A 68 -8.37 15.36 -5.20
C HIS A 68 -8.29 14.79 -3.76
N PHE A 69 -7.25 14.05 -3.41
CA PHE A 69 -7.14 13.49 -2.02
C PHE A 69 -7.11 14.64 -1.02
N SER A 70 -6.24 15.62 -1.24
CA SER A 70 -6.02 16.78 -0.31
C SER A 70 -7.24 17.73 -0.24
N GLU A 71 -8.21 17.62 -1.16
CA GLU A 71 -9.48 18.42 -1.12
C GLU A 71 -10.55 17.71 -0.27
N LEU A 72 -10.37 16.44 0.07
CA LEU A 72 -11.28 15.78 1.06
C LEU A 72 -11.13 16.47 2.42
N PRO A 73 -12.17 16.46 3.26
CA PRO A 73 -12.03 16.89 4.64
C PRO A 73 -10.90 16.15 5.37
N LEU A 74 -10.18 16.87 6.22
CA LEU A 74 -9.00 16.32 6.93
C LEU A 74 -9.41 15.05 7.70
N ASP A 75 -10.60 15.01 8.30
CA ASP A 75 -11.05 13.82 9.07
C ASP A 75 -11.12 12.63 8.12
N ASP A 76 -11.54 12.84 6.87
CA ASP A 76 -11.73 11.76 5.88
C ASP A 76 -10.38 11.33 5.36
N GLN A 77 -9.45 12.27 5.14
CA GLN A 77 -8.08 11.94 4.75
C GLN A 77 -7.47 11.00 5.80
N VAL A 78 -7.65 11.31 7.06
CA VAL A 78 -7.19 10.49 8.21
C VAL A 78 -7.83 9.09 8.13
N ILE A 79 -9.14 9.00 7.97
CA ILE A 79 -9.87 7.69 7.95
C ILE A 79 -9.35 6.85 6.78
N LEU A 80 -9.16 7.47 5.62
CA LEU A 80 -8.69 6.70 4.45
C LEU A 80 -7.28 6.13 4.67
N LEU A 81 -6.37 6.90 5.23
CA LEU A 81 -4.98 6.43 5.43
C LEU A 81 -4.93 5.44 6.58
N ARG A 82 -5.75 5.63 7.63
CA ARG A 82 -5.84 4.66 8.74
C ARG A 82 -6.44 3.33 8.22
N ALA A 83 -7.39 3.38 7.31
CA ALA A 83 -8.03 2.16 6.72
C ALA A 83 -7.06 1.41 5.79
N GLY A 84 -6.24 2.12 5.02
CA GLY A 84 -5.55 1.57 3.85
C GLY A 84 -4.05 1.39 4.01
N TRP A 85 -3.40 2.02 5.00
CA TRP A 85 -1.91 2.12 5.03
C TRP A 85 -1.23 0.72 4.86
N ASN A 86 -1.77 -0.30 5.45
CA ASN A 86 -1.10 -1.63 5.48
C ASN A 86 -1.15 -2.20 4.07
N GLU A 87 -2.32 -2.16 3.43
CA GLU A 87 -2.46 -2.58 2.01
C GLU A 87 -1.57 -1.70 1.09
N LEU A 88 -1.55 -0.37 1.28
CA LEU A 88 -0.76 0.51 0.40
C LEU A 88 0.74 0.15 0.50
N LEU A 89 1.24 -0.08 1.72
CA LEU A 89 2.65 -0.42 1.96
C LEU A 89 2.93 -1.80 1.35
N ILE A 90 2.02 -2.75 1.54
CA ILE A 90 2.23 -4.14 1.05
C ILE A 90 2.31 -4.12 -0.48
N ALA A 91 1.46 -3.31 -1.13
CA ALA A 91 1.43 -3.17 -2.58
C ALA A 91 2.79 -2.64 -3.04
N SER A 92 3.36 -1.66 -2.34
CA SER A 92 4.62 -0.99 -2.75
C SER A 92 5.80 -1.94 -2.59
N PHE A 93 6.02 -2.55 -1.43
CA PHE A 93 7.22 -3.43 -1.31
C PHE A 93 7.05 -4.66 -2.22
N SER A 94 5.83 -5.09 -2.50
CA SER A 94 5.59 -6.26 -3.38
C SER A 94 6.03 -5.92 -4.79
N HIS A 95 5.62 -4.78 -5.32
CA HIS A 95 6.03 -4.34 -6.67
C HIS A 95 7.54 -4.09 -6.69
N ARG A 96 8.07 -3.53 -5.62
CA ARG A 96 9.51 -3.21 -5.54
C ARG A 96 10.32 -4.52 -5.69
N SER A 97 9.78 -5.65 -5.22
CA SER A 97 10.52 -6.93 -5.03
C SER A 97 10.46 -7.83 -6.27
N ILE A 98 9.88 -7.39 -7.39
CA ILE A 98 9.69 -8.28 -8.57
C ILE A 98 11.04 -8.71 -9.14
N ALA A 99 12.10 -7.93 -8.98
CA ALA A 99 13.46 -8.27 -9.50
C ALA A 99 14.15 -9.26 -8.56
N VAL A 100 13.67 -9.38 -7.33
CA VAL A 100 14.29 -10.23 -6.30
C VAL A 100 13.72 -11.65 -6.44
N LYS A 101 14.58 -12.67 -6.37
CA LYS A 101 14.17 -14.08 -6.24
C LYS A 101 14.03 -14.41 -4.75
N ASP A 102 12.88 -14.95 -4.38
CA ASP A 102 12.59 -15.51 -3.04
C ASP A 102 12.88 -14.50 -1.94
N GLY A 103 12.47 -13.24 -2.12
CA GLY A 103 12.63 -12.25 -1.07
C GLY A 103 11.86 -10.96 -1.32
N ILE A 104 11.99 -10.02 -0.40
CA ILE A 104 11.45 -8.64 -0.59
C ILE A 104 12.55 -7.62 -0.31
N LEU A 105 12.52 -6.50 -1.05
CA LEU A 105 13.37 -5.32 -0.87
C LEU A 105 12.58 -4.31 -0.05
N LEU A 106 13.05 -3.98 1.13
CA LEU A 106 12.53 -2.90 1.99
C LEU A 106 13.01 -1.54 1.46
N ALA A 107 12.26 -0.49 1.76
CA ALA A 107 12.60 0.91 1.42
C ALA A 107 13.95 1.29 2.04
N THR A 108 14.38 0.62 3.12
CA THR A 108 15.61 0.92 3.88
C THR A 108 16.85 0.37 3.17
N GLY A 109 16.71 -0.31 2.01
CA GLY A 109 17.81 -0.93 1.24
C GLY A 109 18.06 -2.39 1.64
N LEU A 110 17.34 -2.91 2.60
CA LEU A 110 17.58 -4.27 3.16
C LEU A 110 16.66 -5.33 2.47
N HIS A 111 17.16 -6.56 2.32
CA HIS A 111 16.43 -7.71 1.75
CA HIS A 111 16.41 -7.72 1.75
C HIS A 111 16.06 -8.69 2.90
N VAL A 112 14.82 -9.19 2.89
CA VAL A 112 14.43 -10.31 3.76
C VAL A 112 14.21 -11.50 2.84
N HIS A 113 15.10 -12.49 2.95
CA HIS A 113 15.02 -13.73 2.18
C HIS A 113 13.91 -14.57 2.79
N ARG A 114 13.20 -15.34 2.00
CA ARG A 114 12.16 -16.21 2.55
C ARG A 114 12.75 -17.09 3.66
N ASN A 115 14.00 -17.53 3.54
CA ASN A 115 14.65 -18.33 4.60
C ASN A 115 14.72 -17.55 5.92
N SER A 116 15.11 -16.26 5.90
CA SER A 116 15.12 -15.43 7.15
C SER A 116 13.69 -15.34 7.68
N ALA A 117 12.70 -15.09 6.82
CA ALA A 117 11.29 -14.93 7.25
C ALA A 117 10.81 -16.24 7.91
N HIS A 118 11.14 -17.39 7.32
CA HIS A 118 10.77 -18.71 7.90
C HIS A 118 11.45 -18.86 9.29
N SER A 119 12.73 -18.50 9.41
CA SER A 119 13.53 -18.61 10.66
C SER A 119 13.09 -17.60 11.73
N ALA A 120 12.28 -16.60 11.36
CA ALA A 120 11.76 -15.60 12.31
C ALA A 120 10.31 -15.95 12.67
N GLY A 121 9.78 -17.02 12.10
CA GLY A 121 8.44 -17.52 12.39
C GLY A 121 7.33 -16.76 11.67
N VAL A 122 7.61 -16.14 10.51
CA VAL A 122 6.57 -15.48 9.66
C VAL A 122 6.65 -16.02 8.25
N GLY A 123 6.98 -17.31 8.10
CA GLY A 123 7.17 -17.91 6.78
C GLY A 123 5.90 -17.94 5.97
N ALA A 124 4.82 -18.39 6.57
CA ALA A 124 3.57 -18.67 5.86
C ALA A 124 3.06 -17.36 5.24
N ILE A 125 3.00 -16.28 6.00
CA ILE A 125 2.49 -14.97 5.45
C ILE A 125 3.50 -14.43 4.44
N PHE A 126 4.79 -14.65 4.65
CA PHE A 126 5.82 -14.17 3.69
C PHE A 126 5.64 -14.88 2.33
N ASP A 127 5.41 -16.20 2.37
CA ASP A 127 5.21 -17.00 1.14
C ASP A 127 3.92 -16.54 0.41
N ARG A 128 2.88 -16.20 1.15
CA ARG A 128 1.64 -15.59 0.55
C ARG A 128 1.98 -14.32 -0.22
N VAL A 129 2.78 -13.45 0.35
CA VAL A 129 3.21 -12.19 -0.34
C VAL A 129 3.99 -12.57 -1.62
N LEU A 130 4.93 -13.51 -1.52
CA LEU A 130 5.73 -13.92 -2.69
C LEU A 130 4.86 -14.51 -3.78
N THR A 131 3.91 -15.40 -3.43
CA THR A 131 3.14 -16.22 -4.39
CA THR A 131 3.15 -16.21 -4.41
C THR A 131 1.96 -15.42 -4.96
N GLU A 132 1.22 -14.73 -4.12
CA GLU A 132 -0.06 -14.07 -4.52
C GLU A 132 0.17 -12.65 -5.04
N LEU A 133 1.25 -11.98 -4.63
CA LEU A 133 1.51 -10.60 -5.03
C LEU A 133 2.76 -10.54 -5.88
N VAL A 134 3.93 -10.77 -5.32
CA VAL A 134 5.23 -10.51 -6.06
C VAL A 134 5.26 -11.31 -7.38
N SER A 135 5.06 -12.62 -7.34
CA SER A 135 5.11 -13.52 -8.52
C SER A 135 4.14 -13.05 -9.58
N LYS A 136 2.90 -12.67 -9.17
CA LYS A 136 1.80 -12.35 -10.11
C LYS A 136 2.08 -10.98 -10.76
N MET A 137 2.55 -10.03 -9.98
CA MET A 137 3.06 -8.74 -10.49
C MET A 137 4.18 -8.98 -11.51
N ARG A 138 5.14 -9.84 -11.17
CA ARG A 138 6.29 -10.19 -12.09
C ARG A 138 5.78 -10.80 -13.40
N ASP A 139 4.91 -11.80 -13.32
CA ASP A 139 4.43 -12.60 -14.49
C ASP A 139 3.68 -11.71 -15.49
N MET A 140 2.86 -10.79 -15.03
CA MET A 140 2.05 -9.94 -15.95
C MET A 140 2.81 -8.64 -16.28
N GLN A 141 4.01 -8.47 -15.72
CA GLN A 141 4.85 -7.23 -15.83
C GLN A 141 3.97 -6.02 -15.46
N MET A 142 3.33 -6.05 -14.32
CA MET A 142 2.51 -4.90 -13.84
C MET A 142 3.42 -3.65 -13.88
N ASP A 143 2.96 -2.54 -14.41
CA ASP A 143 3.83 -1.36 -14.55
C ASP A 143 3.49 -0.37 -13.46
N LYS A 144 4.30 0.69 -13.27
CA LYS A 144 4.22 1.60 -12.10
C LYS A 144 2.95 2.44 -12.18
N THR A 145 2.41 2.68 -13.37
CA THR A 145 1.11 3.38 -13.57
C THR A 145 -0.01 2.48 -13.03
N GLU A 146 0.04 1.20 -13.35
CA GLU A 146 -0.94 0.17 -12.92
C GLU A 146 -0.89 0.03 -11.40
N LEU A 147 0.31 -0.02 -10.86
CA LEU A 147 0.51 -0.11 -9.39
C LEU A 147 -0.09 1.14 -8.72
N GLY A 148 0.31 2.33 -9.17
CA GLY A 148 -0.23 3.64 -8.74
C GLY A 148 -1.75 3.64 -8.71
N CYS A 149 -2.39 3.24 -9.78
CA CYS A 149 -3.87 3.18 -9.91
C CYS A 149 -4.48 2.20 -8.89
N LEU A 150 -3.91 1.01 -8.73
CA LEU A 150 -4.40 0.02 -7.75
C LEU A 150 -4.30 0.62 -6.36
N ARG A 151 -3.19 1.26 -6.07
CA ARG A 151 -2.99 1.92 -4.75
C ARG A 151 -3.97 3.07 -4.59
N ALA A 152 -4.25 3.84 -5.63
CA ALA A 152 -5.25 4.94 -5.56
C ALA A 152 -6.63 4.34 -5.27
N ILE A 153 -6.96 3.20 -5.87
CA ILE A 153 -8.26 2.53 -5.63
C ILE A 153 -8.34 2.12 -4.15
N VAL A 154 -7.24 1.56 -3.61
CA VAL A 154 -7.17 1.13 -2.18
C VAL A 154 -7.40 2.37 -1.31
N LEU A 155 -6.69 3.46 -1.60
CA LEU A 155 -6.76 4.70 -0.83
C LEU A 155 -8.20 5.20 -0.80
N PHE A 156 -8.85 5.36 -1.97
CA PHE A 156 -10.26 5.78 -2.12
C PHE A 156 -11.22 4.63 -1.79
N ASN A 157 -11.20 4.19 -0.52
CA ASN A 157 -12.01 3.04 -0.06
C ASN A 157 -13.29 3.61 0.56
N PRO A 158 -14.42 3.57 -0.20
CA PRO A 158 -15.67 4.15 0.27
C PRO A 158 -16.36 3.34 1.37
N ASP A 159 -15.88 2.12 1.67
CA ASP A 159 -16.42 1.33 2.82
C ASP A 159 -15.78 1.73 4.17
N SER A 160 -14.77 2.60 4.17
CA SER A 160 -14.07 3.06 5.38
C SER A 160 -15.11 3.67 6.33
N LYS A 161 -15.15 3.23 7.57
CA LYS A 161 -16.18 3.62 8.58
C LYS A 161 -15.95 5.07 9.01
N GLY A 162 -17.01 5.85 9.07
CA GLY A 162 -16.98 7.21 9.64
C GLY A 162 -16.68 8.26 8.60
N LEU A 163 -16.57 7.92 7.31
CA LEU A 163 -16.40 8.95 6.24
C LEU A 163 -17.55 9.93 6.37
N SER A 164 -17.30 11.21 6.20
CA SER A 164 -18.38 12.24 6.24
C SER A 164 -19.22 12.13 4.96
N ASN A 165 -18.64 11.69 3.84
CA ASN A 165 -19.34 11.62 2.53
C ASN A 165 -18.77 10.45 1.74
N PRO A 166 -19.27 9.21 1.98
CA PRO A 166 -18.76 8.03 1.30
C PRO A 166 -18.97 8.13 -0.23
N ALA A 167 -20.00 8.85 -0.70
CA ALA A 167 -20.34 8.98 -2.14
C ALA A 167 -19.20 9.70 -2.89
N GLU A 168 -18.62 10.73 -2.28
CA GLU A 168 -17.49 11.51 -2.85
C GLU A 168 -16.29 10.56 -3.08
N VAL A 169 -15.98 9.75 -2.10
CA VAL A 169 -14.86 8.76 -2.17
C VAL A 169 -15.17 7.71 -3.23
N GLU A 170 -16.38 7.22 -3.27
CA GLU A 170 -16.81 6.26 -4.29
C GLU A 170 -16.58 6.86 -5.67
N ALA A 171 -16.94 8.16 -5.84
CA ALA A 171 -16.79 8.89 -7.12
C ALA A 171 -15.30 8.96 -7.47
N LEU A 172 -14.44 9.17 -6.48
CA LEU A 172 -12.99 9.25 -6.77
C LEU A 172 -12.48 7.85 -7.20
N ARG A 173 -12.84 6.82 -6.47
CA ARG A 173 -12.52 5.42 -6.85
C ARG A 173 -12.93 5.17 -8.31
N GLU A 174 -14.16 5.54 -8.70
CA GLU A 174 -14.74 5.25 -10.07
C GLU A 174 -13.88 5.93 -11.13
N LYS A 175 -13.40 7.13 -10.83
CA LYS A 175 -12.55 7.90 -11.76
C LYS A 175 -11.19 7.22 -11.87
N VAL A 176 -10.67 6.69 -10.79
CA VAL A 176 -9.37 5.98 -10.90
C VAL A 176 -9.55 4.75 -11.80
N TYR A 177 -10.60 3.95 -11.62
CA TYR A 177 -10.70 2.67 -12.37
C TYR A 177 -11.19 2.94 -13.81
N ALA A 178 -11.89 4.03 -14.05
CA ALA A 178 -12.16 4.50 -15.44
C ALA A 178 -10.80 4.80 -16.12
N SER A 179 -9.94 5.64 -15.52
CA SER A 179 -8.63 6.02 -16.10
C SER A 179 -7.76 4.77 -16.28
N LEU A 180 -7.76 3.86 -15.31
CA LEU A 180 -6.89 2.66 -15.37
C LEU A 180 -7.31 1.82 -16.57
N GLU A 181 -8.59 1.54 -16.69
CA GLU A 181 -9.10 0.70 -17.79
C GLU A 181 -8.67 1.33 -19.13
N ALA A 182 -8.87 2.65 -19.31
CA ALA A 182 -8.50 3.34 -20.58
C ALA A 182 -6.99 3.17 -20.82
N TYR A 183 -6.17 3.30 -19.78
CA TYR A 183 -4.69 3.14 -19.89
C TYR A 183 -4.36 1.72 -20.35
N CYS A 184 -4.94 0.71 -19.71
CA CYS A 184 -4.74 -0.72 -20.06
C CYS A 184 -5.11 -0.97 -21.54
N LYS A 185 -6.26 -0.45 -21.99
CA LYS A 185 -6.82 -0.73 -23.34
C LYS A 185 -5.91 -0.13 -24.40
N HIS A 186 -5.38 1.07 -24.12
CA HIS A 186 -4.45 1.83 -24.99
C HIS A 186 -3.07 1.18 -24.98
N LYS A 187 -2.51 0.93 -23.80
CA LYS A 187 -1.10 0.52 -23.63
C LYS A 187 -0.94 -0.97 -23.95
N TYR A 188 -1.94 -1.80 -23.67
CA TYR A 188 -1.88 -3.29 -23.77
C TYR A 188 -3.12 -3.80 -24.50
N PRO A 189 -3.37 -3.35 -25.77
CA PRO A 189 -4.62 -3.70 -26.47
C PRO A 189 -4.70 -5.21 -26.76
N GLU A 190 -3.58 -5.92 -26.68
CA GLU A 190 -3.52 -7.38 -26.92
C GLU A 190 -4.04 -8.19 -25.71
N GLN A 191 -4.27 -7.54 -24.55
CA GLN A 191 -4.62 -8.23 -23.28
C GLN A 191 -5.97 -7.68 -22.76
N PRO A 192 -7.11 -8.03 -23.40
CA PRO A 192 -8.42 -7.55 -22.94
C PRO A 192 -8.74 -7.88 -21.48
N GLY A 193 -8.19 -8.97 -20.93
CA GLY A 193 -8.44 -9.35 -19.52
C GLY A 193 -7.52 -8.65 -18.51
N ARG A 194 -6.66 -7.74 -18.94
CA ARG A 194 -5.58 -7.20 -18.07
C ARG A 194 -6.18 -6.35 -16.94
N PHE A 195 -7.14 -5.47 -17.26
CA PHE A 195 -7.83 -4.59 -16.29
C PHE A 195 -8.43 -5.43 -15.15
N ALA A 196 -9.18 -6.48 -15.51
CA ALA A 196 -9.82 -7.41 -14.56
C ALA A 196 -8.74 -8.18 -13.76
N LYS A 197 -7.66 -8.57 -14.38
CA LYS A 197 -6.53 -9.26 -13.69
C LYS A 197 -5.96 -8.33 -12.59
N LEU A 198 -5.75 -7.06 -12.89
CA LEU A 198 -5.24 -6.06 -11.93
C LEU A 198 -6.19 -5.98 -10.74
N LEU A 199 -7.47 -5.79 -10.99
CA LEU A 199 -8.50 -5.62 -9.94
C LEU A 199 -8.58 -6.90 -9.10
N LEU A 200 -8.37 -8.07 -9.72
CA LEU A 200 -8.53 -9.33 -8.99
C LEU A 200 -7.25 -9.73 -8.17
N ARG A 201 -6.26 -8.85 -8.05
CA ARG A 201 -5.22 -8.96 -7.00
C ARG A 201 -5.70 -8.30 -5.70
N LEU A 202 -6.77 -7.50 -5.77
CA LEU A 202 -7.19 -6.71 -4.58
C LEU A 202 -7.73 -7.59 -3.45
N PRO A 203 -8.50 -8.68 -3.71
CA PRO A 203 -8.88 -9.60 -2.63
C PRO A 203 -7.66 -10.22 -1.94
N ALA A 204 -6.67 -10.69 -2.71
CA ALA A 204 -5.42 -11.22 -2.11
C ALA A 204 -4.75 -10.12 -1.24
N LEU A 205 -4.64 -8.90 -1.76
CA LEU A 205 -4.02 -7.77 -1.02
C LEU A 205 -4.79 -7.50 0.30
N ARG A 206 -6.12 -7.60 0.27
CA ARG A 206 -6.99 -7.41 1.46
C ARG A 206 -6.66 -8.49 2.53
N SER A 207 -6.62 -9.76 2.11
CA SER A 207 -6.45 -10.91 3.02
C SER A 207 -5.05 -10.84 3.65
N ILE A 208 -4.06 -10.53 2.83
CA ILE A 208 -2.63 -10.46 3.25
C ILE A 208 -2.42 -9.26 4.18
N GLY A 209 -3.04 -8.13 3.87
CA GLY A 209 -3.11 -6.96 4.79
C GLY A 209 -3.57 -7.34 6.14
N LEU A 210 -4.69 -8.08 6.23
CA LEU A 210 -5.33 -8.38 7.54
C LEU A 210 -4.41 -9.31 8.32
N LYS A 211 -3.81 -10.28 7.64
CA LYS A 211 -2.92 -11.25 8.30
C LYS A 211 -1.64 -10.51 8.78
N CYS A 212 -1.05 -9.65 7.96
CA CYS A 212 0.14 -8.85 8.37
C CYS A 212 -0.17 -8.00 9.59
N LEU A 213 -1.36 -7.40 9.65
CA LEU A 213 -1.81 -6.56 10.80
C LEU A 213 -1.85 -7.44 12.06
N GLU A 214 -2.42 -8.65 11.94
CA GLU A 214 -2.55 -9.60 13.08
C GLU A 214 -1.12 -9.86 13.63
N HIS A 215 -0.14 -10.14 12.77
CA HIS A 215 1.27 -10.31 13.15
C HIS A 215 1.75 -9.07 13.91
N LEU A 216 1.56 -7.88 13.36
CA LEU A 216 2.00 -6.61 14.01
C LEU A 216 1.39 -6.47 15.42
N PHE A 217 0.08 -6.70 15.57
CA PHE A 217 -0.61 -6.59 16.88
C PHE A 217 0.04 -7.57 17.85
N PHE A 218 0.38 -8.75 17.39
CA PHE A 218 1.07 -9.74 18.23
C PHE A 218 2.45 -9.23 18.66
N PHE A 219 3.26 -8.75 17.73
CA PHE A 219 4.62 -8.24 18.06
C PHE A 219 4.51 -7.17 19.14
N LYS A 220 3.54 -6.27 19.00
CA LYS A 220 3.33 -5.16 19.96
C LYS A 220 2.99 -5.75 21.35
N LEU A 221 2.07 -6.71 21.38
CA LEU A 221 1.52 -7.34 22.60
C LEU A 221 2.63 -8.11 23.34
N ILE A 222 3.48 -8.83 22.61
CA ILE A 222 4.54 -9.68 23.22
C ILE A 222 5.67 -8.75 23.65
N GLY A 223 5.77 -7.55 23.04
CA GLY A 223 6.81 -6.56 23.37
C GLY A 223 8.19 -7.02 22.90
N ASP A 224 8.23 -8.12 22.13
CA ASP A 224 9.48 -8.77 21.63
C ASP A 224 10.23 -7.82 20.67
N THR A 225 9.56 -6.79 20.13
CA THR A 225 10.01 -6.00 18.94
C THR A 225 9.82 -4.51 19.21
N PRO A 226 10.84 -3.66 18.91
CA PRO A 226 10.67 -2.21 18.94
C PRO A 226 9.68 -1.74 17.85
N ILE A 227 8.66 -0.98 18.24
CA ILE A 227 7.68 -0.34 17.31
C ILE A 227 7.89 1.17 17.43
N ASP A 228 8.27 1.85 16.34
CA ASP A 228 8.47 3.33 16.31
C ASP A 228 7.12 4.07 16.30
N THR A 229 7.14 5.39 16.45
CA THR A 229 5.97 6.15 16.95
C THR A 229 4.85 6.19 15.91
N PHE A 230 5.15 6.27 14.60
CA PHE A 230 4.09 6.41 13.56
C PHE A 230 3.43 5.04 13.37
N LEU A 231 4.24 3.98 13.31
CA LEU A 231 3.69 2.59 13.22
C LEU A 231 2.82 2.36 14.46
N MET A 232 3.31 2.74 15.64
CA MET A 232 2.59 2.53 16.91
C MET A 232 1.28 3.32 16.83
N GLU A 233 1.30 4.54 16.33
CA GLU A 233 0.08 5.36 16.23
C GLU A 233 -0.95 4.62 15.35
N MET A 234 -0.50 3.95 14.29
CA MET A 234 -1.42 3.28 13.34
C MET A 234 -2.04 2.02 13.99
N LEU A 235 -1.41 1.43 15.00
CA LEU A 235 -1.92 0.24 15.74
C LEU A 235 -2.85 0.65 16.92
N GLU A 236 -2.78 1.90 17.40
CA GLU A 236 -3.68 2.45 18.45
C GLU A 236 -5.12 2.48 17.94
N ALA A 237 -6.09 2.32 18.85
CA ALA A 237 -7.53 2.17 18.57
C ALA A 237 -8.12 3.47 18.00
N PRO A 238 -9.27 3.39 17.28
CA PRO A 238 -9.87 4.55 16.62
C PRO A 238 -10.86 5.35 17.48
N LYS B 1 -7.19 10.96 18.20
CA LYS B 1 -5.94 10.97 19.03
C LYS B 1 -4.71 10.75 18.13
N HIS B 2 -4.87 10.85 16.80
CA HIS B 2 -3.83 10.44 15.82
C HIS B 2 -2.91 11.63 15.56
N LYS B 3 -2.10 12.01 16.54
CA LYS B 3 -1.27 13.25 16.51
C LYS B 3 -0.49 13.34 15.17
N ILE B 4 0.37 12.36 14.91
CA ILE B 4 1.42 12.46 13.85
C ILE B 4 0.76 12.58 12.49
N LEU B 5 -0.27 11.76 12.21
CA LEU B 5 -0.94 11.74 10.89
C LEU B 5 -1.62 13.10 10.65
N HIS B 6 -2.27 13.66 11.67
CA HIS B 6 -2.96 14.98 11.55
C HIS B 6 -1.93 16.06 11.19
N ARG B 7 -0.84 16.12 11.94
CA ARG B 7 0.28 17.10 11.73
C ARG B 7 0.80 16.99 10.29
N LEU B 8 1.08 15.78 9.80
CA LEU B 8 1.69 15.57 8.44
C LEU B 8 0.69 15.97 7.35
N LEU B 9 -0.59 15.76 7.57
CA LEU B 9 -1.58 15.99 6.50
C LEU B 9 -1.83 17.49 6.38
N GLN B 10 -1.76 18.21 7.50
CA GLN B 10 -2.08 19.67 7.57
C GLN B 10 -0.96 20.42 6.87
N ASP B 11 0.28 20.01 7.10
CA ASP B 11 1.49 20.74 6.65
C ASP B 11 1.53 20.70 5.12
N SER B 12 1.43 21.86 4.45
CA SER B 12 1.63 22.01 2.98
C SER B 12 3.14 22.15 2.67
N SER B 13 3.55 21.70 1.47
CA SER B 13 4.96 21.60 0.99
C SER B 13 5.16 20.25 0.26
#